data_9DTW
#
_entry.id   9DTW
#
_cell.length_a   109.937
_cell.length_b   61.416
_cell.length_c   69.971
_cell.angle_alpha   90.00
_cell.angle_beta   90.00
_cell.angle_gamma   90.00
#
_symmetry.space_group_name_H-M   'P 21 21 2'
#
loop_
_entity.id
_entity.type
_entity.pdbx_description
1 polymer 'Dihydropteridine reductase'
2 polymer 'Peptidyl-prolyl cis-trans isomerase FKBP1A'
3 non-polymer GLYCEROL
4 non-polymer 'CHLORIDE ION'
5 non-polymer (2S)-N-[(2R)-1-({[(1R)-6-(4-[(4S)-5,6-dihydro[1,2,4]triazolo[1,5-a]pyrazin-7(8H)-yl]-6-{[(1S)-3-methyl-1-(1H-1,2,4-triazol-3-yl)butyl]amino}-1,3,5-triazin-2-yl)-6-azaspiro[2.5]octan-1-yl]methyl}amino)-4-(4-methoxyphenyl)-1-oxobutan-2-yl]-1-(3,3-dimethyl-2-oxopentanoyl)piperidine-2-carboxamide
6 water water
#
loop_
_entity_poly.entity_id
_entity_poly.type
_entity_poly.pdbx_seq_one_letter_code
_entity_poly.pdbx_strand_id
1 'polypeptide(L)'
;GMAAAAAAGEARRVLVYGGRGALGSRCVQAFRARNWWVASVDVVENEEASASIIVKMTDSFTEQADQVTAEVGKLLGEEK
VDAILCVAGGWAGGNAKSKSLFKNCDLMWKQSIWTSTISSHLATKHLKEGGLLTLAGAKAALDGTPGMIGYGMAKGAVHQ
LCQSLAGKNSGMPPGAAAIAVLPVTLDTPMNRKSMPEADFSSWTPLEFLVETFHDWITGKNRPSSGSLIQVVTTEGRTEL
TPAYF
;
A
2 'polypeptide(L)'
;SMGVQVETISPGDGRTFPKRGQTCVVHYTGMLEDGKKFDSSRDRNKPFKFMLGKQEVIRGWEEGVAQMSVGQRAKLTISP
DYAYGATGHPGIIPPHATLVFDVELLKLE
;
B
#
# COMPACT_ATOMS: atom_id res chain seq x y z
N ALA A 11 19.19 -10.00 11.35
CA ALA A 11 18.42 -10.35 10.15
C ALA A 11 19.25 -10.78 8.94
N ARG A 12 18.53 -11.04 7.86
CA ARG A 12 19.12 -11.33 6.58
CA ARG A 12 19.12 -11.36 6.57
C ARG A 12 18.09 -11.34 5.46
N ARG A 13 16.85 -11.89 5.67
CA ARG A 13 15.77 -11.75 4.67
C ARG A 13 14.52 -11.11 5.28
N VAL A 14 14.01 -10.06 4.63
CA VAL A 14 12.80 -9.38 5.10
C VAL A 14 11.89 -9.20 3.91
N LEU A 15 10.57 -9.42 4.12
CA LEU A 15 9.53 -9.11 3.12
C LEU A 15 8.77 -7.90 3.68
N VAL A 16 8.70 -6.80 2.91
CA VAL A 16 7.99 -5.59 3.30
C VAL A 16 6.71 -5.58 2.50
N TYR A 17 5.56 -5.84 3.18
CA TYR A 17 4.23 -5.93 2.55
C TYR A 17 3.64 -4.53 2.61
N GLY A 18 3.59 -3.86 1.44
CA GLY A 18 3.45 -2.44 1.41
C GLY A 18 4.74 -1.69 1.15
N GLY A 19 5.63 -2.31 0.39
CA GLY A 19 7.00 -1.82 0.24
C GLY A 19 7.20 -0.53 -0.52
N ARG A 20 6.17 -0.01 -1.19
CA ARG A 20 6.28 1.28 -1.83
C ARG A 20 5.61 2.42 -1.11
N GLY A 21 4.90 2.16 -0.03
CA GLY A 21 4.35 3.19 0.83
C GLY A 21 5.43 3.98 1.54
N ALA A 22 5.04 5.01 2.28
CA ALA A 22 6.05 5.84 2.95
C ALA A 22 6.88 5.03 3.92
N LEU A 23 6.26 4.38 4.89
CA LEU A 23 7.03 3.60 5.84
C LEU A 23 7.71 2.42 5.15
N GLY A 24 7.04 1.74 4.24
CA GLY A 24 7.66 0.59 3.64
C GLY A 24 8.84 0.94 2.77
N SER A 25 8.81 2.11 2.11
CA SER A 25 9.97 2.52 1.32
C SER A 25 11.14 2.79 2.22
N ARG A 26 10.91 3.38 3.39
CA ARG A 26 12.03 3.61 4.33
C ARG A 26 12.59 2.30 4.87
N CYS A 27 11.75 1.33 5.11
CA CYS A 27 12.22 0.01 5.54
C CYS A 27 13.10 -0.61 4.46
N VAL A 28 12.66 -0.54 3.20
CA VAL A 28 13.45 -1.12 2.10
C VAL A 28 14.80 -0.45 2.05
N GLN A 29 14.82 0.86 2.13
CA GLN A 29 16.11 1.58 2.05
C GLN A 29 17.01 1.22 3.22
N ALA A 30 16.46 1.24 4.43
CA ALA A 30 17.33 1.07 5.59
C ALA A 30 17.86 -0.34 5.63
N PHE A 31 17.07 -1.31 5.28
CA PHE A 31 17.43 -2.71 5.39
C PHE A 31 18.39 -3.07 4.27
N ARG A 32 18.20 -2.49 3.09
CA ARG A 32 19.22 -2.67 2.06
C ARG A 32 20.53 -2.03 2.48
N ALA A 33 20.51 -0.89 3.16
CA ALA A 33 21.78 -0.27 3.63
C ALA A 33 22.53 -1.18 4.59
N ARG A 34 21.85 -2.08 5.28
CA ARG A 34 22.47 -3.10 6.14
C ARG A 34 22.82 -4.35 5.38
N ASN A 35 22.61 -4.34 4.06
CA ASN A 35 22.87 -5.47 3.17
C ASN A 35 22.04 -6.68 3.45
N TRP A 36 20.76 -6.44 3.88
CA TRP A 36 19.77 -7.48 3.95
C TRP A 36 19.13 -7.75 2.60
N TRP A 37 18.69 -8.94 2.38
CA TRP A 37 17.85 -9.25 1.22
C TRP A 37 16.43 -8.77 1.54
N VAL A 38 15.86 -7.96 0.65
CA VAL A 38 14.56 -7.30 0.90
C VAL A 38 13.65 -7.47 -0.26
N ALA A 39 12.48 -8.04 -0.03
CA ALA A 39 11.47 -8.16 -1.06
C ALA A 39 10.38 -7.13 -0.75
N SER A 40 9.85 -6.49 -1.79
CA SER A 40 8.69 -5.59 -1.65
C SER A 40 7.48 -6.24 -2.26
N VAL A 41 6.33 -6.23 -1.56
CA VAL A 41 5.03 -6.58 -2.16
C VAL A 41 4.21 -5.30 -2.15
N ASP A 42 3.75 -4.85 -3.31
CA ASP A 42 2.94 -3.62 -3.40
C ASP A 42 2.22 -3.61 -4.74
N VAL A 43 1.54 -2.50 -5.03
CA VAL A 43 0.80 -2.37 -6.28
C VAL A 43 1.71 -2.05 -7.46
N VAL A 44 2.98 -1.80 -7.19
CA VAL A 44 3.98 -1.48 -8.22
C VAL A 44 5.31 -1.81 -7.58
N GLU A 45 6.35 -1.94 -8.40
CA GLU A 45 7.63 -2.37 -7.86
C GLU A 45 8.21 -1.36 -6.92
N ASN A 46 9.24 -1.76 -6.14
CA ASN A 46 10.11 -0.82 -5.48
C ASN A 46 11.49 -1.13 -6.07
N GLU A 47 12.00 -0.20 -6.89
CA GLU A 47 13.27 -0.43 -7.58
C GLU A 47 14.43 -0.56 -6.64
N GLU A 48 14.32 -0.15 -5.37
CA GLU A 48 15.39 -0.30 -4.38
C GLU A 48 15.42 -1.67 -3.75
N ALA A 49 14.33 -2.41 -3.84
CA ALA A 49 14.25 -3.72 -3.23
C ALA A 49 15.07 -4.75 -4.01
N SER A 50 15.51 -5.79 -3.33
CA SER A 50 16.14 -6.93 -3.98
C SER A 50 15.23 -7.57 -5.02
N ALA A 51 13.92 -7.66 -4.73
CA ALA A 51 12.92 -8.26 -5.59
C ALA A 51 11.59 -7.59 -5.27
N SER A 52 10.76 -7.50 -6.28
CA SER A 52 9.44 -6.94 -6.12
C SER A 52 8.36 -7.85 -6.66
N ILE A 53 7.25 -7.96 -5.91
CA ILE A 53 6.03 -8.65 -6.28
C ILE A 53 4.87 -7.64 -6.34
N ILE A 54 4.13 -7.75 -7.43
CA ILE A 54 3.10 -6.76 -7.78
C ILE A 54 1.73 -7.41 -7.63
N VAL A 55 0.85 -6.81 -6.81
CA VAL A 55 -0.43 -7.35 -6.48
C VAL A 55 -1.43 -6.99 -7.56
N LYS A 56 -2.31 -7.94 -7.85
CA LYS A 56 -3.40 -7.74 -8.83
C LYS A 56 -4.55 -6.89 -8.27
N MET A 57 -4.96 -5.88 -9.03
CA MET A 57 -6.15 -5.12 -8.73
C MET A 57 -7.37 -5.92 -9.09
N THR A 58 -8.17 -6.24 -8.06
CA THR A 58 -9.32 -7.09 -8.25
C THR A 58 -10.25 -6.91 -7.05
N ASP A 59 -11.56 -7.18 -7.28
CA ASP A 59 -12.53 -7.28 -6.19
C ASP A 59 -12.56 -8.65 -5.54
N SER A 60 -11.92 -9.65 -6.14
CA SER A 60 -11.89 -10.99 -5.61
C SER A 60 -10.73 -11.13 -4.61
N PHE A 61 -11.04 -11.20 -3.31
CA PHE A 61 -9.99 -11.41 -2.30
C PHE A 61 -9.24 -12.70 -2.57
N THR A 62 -9.94 -13.78 -2.87
CA THR A 62 -9.21 -15.03 -3.14
C THR A 62 -8.32 -14.93 -4.36
N GLU A 63 -8.73 -14.21 -5.40
CA GLU A 63 -7.84 -14.05 -6.53
C GLU A 63 -6.56 -13.35 -6.13
N GLN A 64 -6.68 -12.22 -5.46
CA GLN A 64 -5.49 -11.47 -5.08
C GLN A 64 -4.66 -12.31 -4.11
N ALA A 65 -5.26 -12.93 -3.12
CA ALA A 65 -4.48 -13.64 -2.09
C ALA A 65 -3.79 -14.88 -2.68
N ASP A 66 -4.49 -15.61 -3.58
CA ASP A 66 -3.86 -16.80 -4.18
C ASP A 66 -2.69 -16.39 -5.04
N GLN A 67 -2.83 -15.28 -5.77
CA GLN A 67 -1.79 -14.81 -6.69
C GLN A 67 -0.55 -14.37 -5.91
N VAL A 68 -0.73 -13.56 -4.86
CA VAL A 68 0.43 -13.14 -4.08
C VAL A 68 1.08 -14.34 -3.42
N THR A 69 0.30 -15.22 -2.86
CA THR A 69 0.85 -16.38 -2.18
C THR A 69 1.69 -17.24 -3.14
N ALA A 70 1.17 -17.46 -4.34
CA ALA A 70 1.93 -18.25 -5.34
C ALA A 70 3.22 -17.54 -5.71
N GLU A 71 3.18 -16.21 -5.90
CA GLU A 71 4.36 -15.48 -6.35
C GLU A 71 5.40 -15.43 -5.25
N VAL A 72 5.00 -15.23 -4.01
CA VAL A 72 5.95 -15.22 -2.91
C VAL A 72 6.53 -16.59 -2.73
N GLY A 73 5.74 -17.62 -2.91
CA GLY A 73 6.26 -18.95 -2.74
C GLY A 73 7.29 -19.26 -3.81
N LYS A 74 7.08 -18.78 -5.02
CA LYS A 74 8.06 -19.02 -6.07
C LYS A 74 9.34 -18.21 -5.85
N LEU A 75 9.22 -16.96 -5.43
CA LEU A 75 10.40 -16.16 -5.10
C LEU A 75 11.26 -16.81 -4.01
N LEU A 76 10.66 -17.30 -2.94
CA LEU A 76 11.41 -17.81 -1.79
C LEU A 76 11.79 -19.27 -1.91
N GLY A 77 11.02 -20.06 -2.61
CA GLY A 77 11.21 -21.50 -2.59
C GLY A 77 11.11 -22.05 -1.18
N GLU A 78 12.16 -22.75 -0.74
CA GLU A 78 12.22 -23.30 0.62
C GLU A 78 12.92 -22.38 1.60
N GLU A 79 13.43 -21.25 1.17
CA GLU A 79 14.08 -20.32 2.05
C GLU A 79 13.05 -19.61 2.93
N LYS A 80 13.42 -19.39 4.15
CA LYS A 80 12.57 -18.75 5.14
C LYS A 80 13.10 -17.35 5.38
N VAL A 81 12.20 -16.49 5.84
CA VAL A 81 12.51 -15.11 6.07
C VAL A 81 12.55 -14.80 7.57
N ASP A 82 13.31 -13.81 7.93
CA ASP A 82 13.40 -13.39 9.31
C ASP A 82 12.22 -12.52 9.74
N ALA A 83 11.58 -11.87 8.78
CA ALA A 83 10.52 -10.94 9.14
C ALA A 83 9.66 -10.65 7.93
N ILE A 84 8.37 -10.46 8.26
CA ILE A 84 7.38 -9.90 7.35
C ILE A 84 6.85 -8.65 8.00
N LEU A 85 7.09 -7.50 7.41
CA LEU A 85 6.63 -6.22 7.94
C LEU A 85 5.43 -5.76 7.12
N CYS A 86 4.24 -5.95 7.65
CA CYS A 86 3.02 -5.57 6.91
C CYS A 86 2.71 -4.15 7.30
N VAL A 87 3.12 -3.21 6.46
CA VAL A 87 3.04 -1.80 6.69
C VAL A 87 2.05 -1.15 5.77
N ALA A 88 1.35 -1.91 4.94
CA ALA A 88 0.34 -1.29 4.09
C ALA A 88 -0.85 -0.76 4.89
N GLY A 89 -1.54 0.14 4.32
CA GLY A 89 -2.72 0.75 4.88
C GLY A 89 -2.80 2.17 4.35
N GLY A 90 -4.01 2.62 4.20
CA GLY A 90 -4.18 3.98 3.81
C GLY A 90 -5.06 4.67 4.81
N TRP A 91 -5.72 5.69 4.36
CA TRP A 91 -6.66 6.35 5.24
C TRP A 91 -7.75 6.94 4.35
N ALA A 92 -8.99 6.79 4.77
CA ALA A 92 -10.08 7.43 4.07
C ALA A 92 -11.10 7.55 5.18
N GLY A 93 -11.83 8.67 5.22
CA GLY A 93 -12.68 9.03 6.34
C GLY A 93 -14.14 8.97 5.96
N GLY A 94 -14.97 9.26 6.95
CA GLY A 94 -16.36 9.48 6.72
C GLY A 94 -17.21 8.69 7.73
N ASN A 95 -18.30 9.30 8.18
CA ASN A 95 -19.22 8.66 9.12
C ASN A 95 -20.14 7.70 8.40
N ALA A 96 -21.06 7.11 9.16
CA ALA A 96 -21.88 6.04 8.63
C ALA A 96 -22.98 6.52 7.69
N LYS A 97 -23.24 7.82 7.68
CA LYS A 97 -24.23 8.38 6.76
C LYS A 97 -23.63 8.88 5.47
N SER A 98 -22.28 8.99 5.39
CA SER A 98 -21.60 9.50 4.22
C SER A 98 -21.93 8.79 2.92
N LYS A 99 -22.13 9.59 1.86
CA LYS A 99 -22.34 9.00 0.54
C LYS A 99 -21.11 8.25 0.04
N SER A 100 -19.95 8.51 0.62
CA SER A 100 -18.72 7.81 0.26
C SER A 100 -18.41 6.61 1.15
N LEU A 101 -19.30 6.31 2.08
CA LEU A 101 -19.01 5.25 3.07
C LEU A 101 -18.60 3.95 2.40
N PHE A 102 -19.41 3.45 1.46
CA PHE A 102 -19.16 2.12 0.92
C PHE A 102 -17.88 2.05 0.13
N LYS A 103 -17.56 3.09 -0.65
CA LYS A 103 -16.31 3.05 -1.40
C LYS A 103 -15.12 3.15 -0.47
N ASN A 104 -15.23 3.98 0.59
CA ASN A 104 -14.12 4.15 1.49
C ASN A 104 -13.93 2.92 2.35
N CYS A 105 -15.03 2.23 2.71
CA CYS A 105 -14.90 0.98 3.45
C CYS A 105 -14.22 -0.05 2.58
N ASP A 106 -14.64 -0.18 1.34
CA ASP A 106 -13.98 -1.13 0.45
C ASP A 106 -12.48 -0.85 0.36
N LEU A 107 -12.07 0.41 0.21
CA LEU A 107 -10.68 0.73 0.15
C LEU A 107 -9.93 0.34 1.39
N MET A 108 -10.52 0.62 2.55
CA MET A 108 -9.89 0.35 3.81
C MET A 108 -9.75 -1.15 4.06
N TRP A 109 -10.78 -1.90 3.75
CA TRP A 109 -10.70 -3.34 3.93
C TRP A 109 -9.63 -3.92 3.00
N LYS A 110 -9.56 -3.46 1.76
CA LYS A 110 -8.52 -3.95 0.85
C LYS A 110 -7.13 -3.57 1.32
N GLN A 111 -6.95 -2.36 1.84
CA GLN A 111 -5.59 -1.92 2.17
C GLN A 111 -5.13 -2.41 3.52
N SER A 112 -6.04 -2.75 4.47
CA SER A 112 -5.66 -3.21 5.79
C SER A 112 -6.05 -4.66 6.08
N ILE A 113 -7.32 -5.05 5.83
CA ILE A 113 -7.76 -6.42 6.13
C ILE A 113 -7.11 -7.41 5.17
N TRP A 114 -7.22 -7.13 3.87
CA TRP A 114 -6.70 -8.08 2.88
C TRP A 114 -5.19 -8.26 3.07
N THR A 115 -4.51 -7.16 3.20
CA THR A 115 -3.02 -7.19 3.27
C THR A 115 -2.58 -7.93 4.54
N SER A 116 -3.19 -7.64 5.67
CA SER A 116 -2.82 -8.30 6.91
C SER A 116 -3.08 -9.78 6.85
N THR A 117 -4.19 -10.18 6.25
CA THR A 117 -4.53 -11.58 6.18
C THR A 117 -3.54 -12.34 5.33
N ILE A 118 -3.26 -11.83 4.13
CA ILE A 118 -2.29 -12.48 3.25
C ILE A 118 -0.95 -12.54 3.98
N SER A 119 -0.51 -11.44 4.61
CA SER A 119 0.79 -11.45 5.32
C SER A 119 0.83 -12.51 6.39
N SER A 120 -0.27 -12.67 7.13
CA SER A 120 -0.33 -13.67 8.19
C SER A 120 -0.17 -15.07 7.64
N HIS A 121 -0.84 -15.38 6.54
CA HIS A 121 -0.70 -16.67 5.88
C HIS A 121 0.73 -16.86 5.42
N LEU A 122 1.32 -15.83 4.81
CA LEU A 122 2.72 -15.94 4.39
C LEU A 122 3.60 -16.22 5.60
N ALA A 123 3.29 -15.65 6.73
CA ALA A 123 4.11 -15.87 7.93
C ALA A 123 4.08 -17.32 8.34
N THR A 124 2.92 -17.97 8.27
CA THR A 124 2.88 -19.38 8.68
C THR A 124 3.71 -20.23 7.74
N LYS A 125 3.82 -19.85 6.50
CA LYS A 125 4.48 -20.66 5.51
C LYS A 125 5.95 -20.33 5.40
N HIS A 126 6.35 -19.07 5.65
CA HIS A 126 7.69 -18.62 5.30
C HIS A 126 8.51 -18.00 6.40
N LEU A 127 8.00 -17.69 7.57
CA LEU A 127 8.80 -17.13 8.61
C LEU A 127 9.69 -18.22 9.24
N LYS A 128 10.91 -17.83 9.47
CA LYS A 128 11.80 -18.69 10.25
C LYS A 128 11.20 -18.88 11.66
N GLU A 129 11.58 -20.00 12.30
CA GLU A 129 11.36 -20.09 13.75
C GLU A 129 12.03 -18.92 14.42
N GLY A 130 11.37 -18.32 15.41
CA GLY A 130 11.80 -17.10 16.03
C GLY A 130 11.70 -15.78 15.25
N GLY A 131 11.09 -15.84 14.07
CA GLY A 131 10.95 -14.66 13.25
C GLY A 131 9.79 -13.77 13.70
N LEU A 132 9.61 -12.70 12.96
CA LEU A 132 8.74 -11.59 13.34
C LEU A 132 7.75 -11.29 12.23
N LEU A 133 6.45 -11.15 12.58
CA LEU A 133 5.45 -10.52 11.70
C LEU A 133 4.98 -9.25 12.35
N THR A 134 5.05 -8.09 11.72
CA THR A 134 4.42 -6.90 12.18
C THR A 134 3.16 -6.60 11.40
N LEU A 135 2.17 -6.09 12.09
CA LEU A 135 0.92 -5.67 11.49
C LEU A 135 0.65 -4.24 11.79
N ALA A 136 0.01 -3.58 10.86
CA ALA A 136 -0.21 -2.14 10.91
C ALA A 136 -1.60 -1.88 11.52
N GLY A 137 -1.64 -1.58 12.80
CA GLY A 137 -2.88 -1.17 13.48
C GLY A 137 -3.04 0.33 13.54
N ALA A 138 -3.83 0.79 14.52
CA ALA A 138 -4.05 2.19 14.72
C ALA A 138 -4.48 2.45 16.14
N LYS A 139 -3.85 3.38 16.86
CA LYS A 139 -4.29 3.69 18.21
C LYS A 139 -5.76 4.12 18.23
N ALA A 140 -6.21 4.82 17.22
CA ALA A 140 -7.59 5.31 17.25
C ALA A 140 -8.58 4.16 17.26
N ALA A 141 -8.23 3.00 16.70
CA ALA A 141 -9.22 1.89 16.63
C ALA A 141 -9.33 1.12 17.91
N LEU A 142 -8.63 1.49 18.99
CA LEU A 142 -8.89 1.04 20.35
C LEU A 142 -10.20 1.58 20.86
N ASP A 143 -10.74 2.59 20.26
CA ASP A 143 -12.02 3.18 20.63
C ASP A 143 -12.90 3.28 19.36
N GLY A 144 -14.11 3.80 19.54
CA GLY A 144 -14.96 4.13 18.41
C GLY A 144 -14.33 5.20 17.51
N THR A 145 -14.53 5.07 16.23
CA THR A 145 -14.07 6.05 15.23
C THR A 145 -15.27 6.53 14.39
N PRO A 146 -16.19 7.32 15.01
CA PRO A 146 -17.42 7.72 14.32
C PRO A 146 -17.22 8.48 13.06
N GLY A 147 -16.10 9.19 12.89
CA GLY A 147 -15.88 9.90 11.64
C GLY A 147 -15.01 9.18 10.61
N MET A 148 -14.62 7.91 10.86
CA MET A 148 -13.83 7.14 9.94
C MET A 148 -14.21 5.67 10.13
N ILE A 149 -15.44 5.37 9.74
CA ILE A 149 -16.04 4.05 10.00
C ILE A 149 -15.19 2.91 9.42
N GLY A 150 -14.90 2.96 8.13
CA GLY A 150 -14.16 1.86 7.49
C GLY A 150 -12.78 1.66 8.04
N TYR A 151 -12.08 2.76 8.25
CA TYR A 151 -10.74 2.71 8.81
C TYR A 151 -10.75 2.05 10.15
N GLY A 152 -11.66 2.48 11.03
CA GLY A 152 -11.68 1.88 12.36
C GLY A 152 -12.01 0.39 12.36
N MET A 153 -12.95 0.00 11.50
CA MET A 153 -13.34 -1.42 11.42
C MET A 153 -12.16 -2.25 10.94
N ALA A 154 -11.46 -1.73 9.92
CA ALA A 154 -10.34 -2.48 9.35
C ALA A 154 -9.25 -2.62 10.33
N LYS A 155 -8.86 -1.50 10.98
CA LYS A 155 -7.77 -1.60 11.94
C LYS A 155 -8.17 -2.41 13.19
N GLY A 156 -9.45 -2.35 13.60
CA GLY A 156 -9.88 -3.16 14.72
C GLY A 156 -9.79 -4.63 14.39
N ALA A 157 -10.11 -4.98 13.14
CA ALA A 157 -9.94 -6.37 12.72
C ALA A 157 -8.48 -6.82 12.77
N VAL A 158 -7.54 -5.92 12.40
CA VAL A 158 -6.12 -6.26 12.48
C VAL A 158 -5.67 -6.48 13.91
N HIS A 159 -6.16 -5.68 14.84
CA HIS A 159 -5.78 -5.85 16.23
C HIS A 159 -6.25 -7.23 16.69
N GLN A 160 -7.48 -7.61 16.35
CA GLN A 160 -7.99 -8.90 16.75
C GLN A 160 -7.22 -10.05 16.13
N LEU A 161 -6.83 -9.92 14.85
CA LEU A 161 -6.03 -10.89 14.17
C LEU A 161 -4.70 -11.10 14.90
N CYS A 162 -4.06 -10.00 15.33
CA CYS A 162 -2.83 -10.13 16.10
C CYS A 162 -3.02 -10.99 17.32
N GLN A 163 -4.16 -10.81 18.00
CA GLN A 163 -4.44 -11.67 19.15
C GLN A 163 -4.55 -13.11 18.77
N SER A 164 -5.22 -13.40 17.63
CA SER A 164 -5.37 -14.77 17.17
C SER A 164 -4.02 -15.44 16.89
N LEU A 165 -3.12 -14.69 16.25
CA LEU A 165 -1.83 -15.26 15.85
C LEU A 165 -0.98 -15.65 17.04
N ALA A 166 -1.17 -14.99 18.14
CA ALA A 166 -0.46 -15.36 19.38
C ALA A 166 -1.03 -16.62 20.02
N GLY A 167 -2.21 -17.01 19.66
CA GLY A 167 -2.84 -18.15 20.30
C GLY A 167 -2.25 -19.45 19.88
N LYS A 168 -2.64 -20.46 20.69
CA LYS A 168 -2.17 -21.80 20.44
C LYS A 168 -2.67 -22.31 19.11
N ASN A 169 -1.77 -22.91 18.33
CA ASN A 169 -2.10 -23.56 17.07
C ASN A 169 -2.67 -22.58 16.06
N SER A 170 -2.18 -21.37 16.13
CA SER A 170 -2.58 -20.39 15.09
C SER A 170 -1.94 -20.67 13.77
N GLY A 171 -0.81 -21.40 13.75
CA GLY A 171 -0.03 -21.63 12.55
C GLY A 171 1.27 -20.88 12.54
N MET A 172 1.44 -19.89 13.39
CA MET A 172 2.73 -19.23 13.52
C MET A 172 3.81 -20.24 13.88
N PRO A 173 5.02 -20.13 13.33
CA PRO A 173 6.07 -21.08 13.65
C PRO A 173 6.48 -20.96 15.11
N PRO A 174 7.17 -22.00 15.61
CA PRO A 174 7.71 -21.93 16.97
C PRO A 174 8.57 -20.71 17.17
N GLY A 175 8.32 -20.00 18.24
CA GLY A 175 9.12 -18.91 18.66
C GLY A 175 8.90 -17.61 17.90
N ALA A 176 8.04 -17.64 16.88
CA ALA A 176 7.79 -16.40 16.13
C ALA A 176 6.76 -15.55 16.89
N ALA A 177 6.75 -14.27 16.60
CA ALA A 177 5.89 -13.29 17.23
C ALA A 177 5.15 -12.48 16.16
N ALA A 178 3.85 -12.24 16.43
CA ALA A 178 3.06 -11.25 15.69
C ALA A 178 2.82 -10.06 16.55
N ILE A 179 3.20 -8.89 16.10
CA ILE A 179 3.05 -7.67 16.88
C ILE A 179 2.37 -6.62 16.03
N ALA A 180 1.37 -5.97 16.55
CA ALA A 180 0.71 -4.88 15.89
C ALA A 180 1.25 -3.54 16.38
N VAL A 181 1.49 -2.62 15.46
CA VAL A 181 1.95 -1.27 15.72
C VAL A 181 0.79 -0.32 15.60
N LEU A 182 0.56 0.54 16.62
CA LEU A 182 -0.63 1.35 16.73
C LEU A 182 -0.19 2.82 16.85
N PRO A 183 0.12 3.46 15.72
CA PRO A 183 0.47 4.88 15.74
C PRO A 183 -0.75 5.76 15.68
N VAL A 184 -0.54 7.06 15.73
CA VAL A 184 -1.50 8.09 15.56
C VAL A 184 -1.33 8.68 14.17
N THR A 185 -0.25 9.47 13.93
CA THR A 185 0.06 10.00 12.62
C THR A 185 1.55 9.86 12.41
N LEU A 186 1.94 9.44 11.23
CA LEU A 186 3.35 9.33 10.85
C LEU A 186 3.79 10.60 10.12
N ASP A 187 5.05 10.98 10.33
CA ASP A 187 5.59 12.15 9.65
C ASP A 187 6.01 11.73 8.22
N THR A 188 5.18 12.10 7.26
CA THR A 188 5.39 11.74 5.85
C THR A 188 5.23 12.98 4.98
N PRO A 189 5.87 13.00 3.82
CA PRO A 189 5.67 14.16 2.93
C PRO A 189 4.23 14.37 2.56
N MET A 190 3.46 13.31 2.30
CA MET A 190 2.07 13.51 1.96
C MET A 190 1.26 14.11 3.11
N ASN A 191 1.56 13.70 4.35
CA ASN A 191 0.88 14.30 5.50
C ASN A 191 1.27 15.75 5.70
N ARG A 192 2.56 16.10 5.55
CA ARG A 192 2.95 17.49 5.72
C ARG A 192 2.27 18.39 4.70
N LYS A 193 2.05 17.91 3.48
CA LYS A 193 1.36 18.79 2.54
C LYS A 193 -0.17 18.71 2.68
N SER A 194 -0.68 17.62 3.22
CA SER A 194 -2.11 17.53 3.46
C SER A 194 -2.56 18.28 4.71
N MET A 195 -1.71 18.34 5.77
CA MET A 195 -2.07 18.97 7.05
C MET A 195 -0.96 19.96 7.46
N PRO A 196 -0.76 21.02 6.68
CA PRO A 196 0.42 21.89 6.88
C PRO A 196 0.36 22.74 8.14
N GLU A 197 -0.75 22.71 8.91
CA GLU A 197 -0.87 23.49 10.13
C GLU A 197 -0.82 22.63 11.38
N ALA A 198 -0.62 21.33 11.24
CA ALA A 198 -0.54 20.46 12.39
C ALA A 198 0.82 20.60 13.10
N ASP A 199 0.87 20.01 14.31
CA ASP A 199 2.08 20.00 15.14
C ASP A 199 2.83 18.76 14.72
N PHE A 200 3.78 18.96 13.80
CA PHE A 200 4.54 17.84 13.35
C PHE A 200 5.25 17.14 14.48
N SER A 201 5.48 17.84 15.64
CA SER A 201 6.25 17.20 16.70
C SER A 201 5.40 16.14 17.47
N SER A 202 4.15 16.02 17.11
CA SER A 202 3.29 14.90 17.53
C SER A 202 3.18 13.82 16.46
N TRP A 203 3.91 13.92 15.37
CA TRP A 203 3.99 12.88 14.32
C TRP A 203 5.23 12.03 14.49
N THR A 204 5.08 10.78 14.25
CA THR A 204 6.14 9.85 14.48
C THR A 204 7.11 9.80 13.31
N PRO A 205 8.40 10.04 13.51
CA PRO A 205 9.35 9.85 12.41
C PRO A 205 9.41 8.42 11.94
N LEU A 206 9.51 8.31 10.60
CA LEU A 206 9.61 6.99 10.01
C LEU A 206 10.81 6.25 10.54
N GLU A 207 11.98 6.99 10.71
CA GLU A 207 13.14 6.26 11.16
C GLU A 207 13.01 5.68 12.58
N PHE A 208 12.09 6.24 13.38
CA PHE A 208 11.85 5.65 14.70
C PHE A 208 11.26 4.25 14.58
N LEU A 209 10.31 4.11 13.61
CA LEU A 209 9.72 2.79 13.42
C LEU A 209 10.67 1.80 12.75
N VAL A 210 11.44 2.29 11.74
CA VAL A 210 12.43 1.43 11.11
C VAL A 210 13.45 0.85 12.13
N GLU A 211 13.94 1.69 13.04
CA GLU A 211 14.92 1.25 14.03
C GLU A 211 14.29 0.35 15.09
N THR A 212 13.00 0.60 15.43
CA THR A 212 12.26 -0.32 16.30
C THR A 212 12.09 -1.68 15.67
N PHE A 213 11.69 -1.71 14.35
CA PHE A 213 11.57 -2.97 13.68
C PHE A 213 12.88 -3.74 13.61
N HIS A 214 13.96 -3.02 13.31
CA HIS A 214 15.29 -3.66 13.32
C HIS A 214 15.62 -4.28 14.67
N ASP A 215 15.35 -3.55 15.75
CA ASP A 215 15.54 -4.13 17.07
C ASP A 215 14.68 -5.36 17.25
N TRP A 216 13.39 -5.24 16.93
CA TRP A 216 12.56 -6.42 17.14
C TRP A 216 12.95 -7.64 16.29
N ILE A 217 13.36 -7.40 15.03
CA ILE A 217 13.70 -8.54 14.18
C ILE A 217 14.96 -9.24 14.68
N THR A 218 15.89 -8.47 15.23
CA THR A 218 17.16 -8.99 15.71
C THR A 218 17.06 -9.56 17.13
N GLY A 219 15.92 -9.39 17.79
CA GLY A 219 15.75 -9.91 19.11
C GLY A 219 16.03 -8.98 20.25
N LYS A 220 16.16 -7.68 20.01
CA LYS A 220 16.41 -6.69 21.04
C LYS A 220 15.08 -6.07 21.49
N ASN A 221 14.74 -6.26 22.77
CA ASN A 221 13.54 -5.62 23.36
C ASN A 221 12.26 -5.95 22.56
N ARG A 222 12.19 -7.18 22.11
CA ARG A 222 11.03 -7.67 21.27
C ARG A 222 9.85 -7.89 22.21
N PRO A 223 8.69 -7.24 21.97
CA PRO A 223 7.45 -7.58 22.75
C PRO A 223 6.99 -8.99 22.53
N SER A 224 6.14 -9.44 23.47
CA SER A 224 5.50 -10.73 23.32
C SER A 224 4.52 -10.77 22.10
N SER A 225 4.41 -11.94 21.52
CA SER A 225 3.44 -12.14 20.45
C SER A 225 2.08 -11.72 20.95
N GLY A 226 1.33 -11.16 20.08
CA GLY A 226 0.02 -10.63 20.37
C GLY A 226 -0.01 -9.27 20.97
N SER A 227 1.15 -8.62 21.13
CA SER A 227 1.15 -7.28 21.68
C SER A 227 0.59 -6.27 20.70
N LEU A 228 -0.09 -5.26 21.23
CA LEU A 228 -0.59 -4.08 20.54
C LEU A 228 0.27 -2.94 21.06
N ILE A 229 1.21 -2.45 20.28
CA ILE A 229 2.17 -1.49 20.76
C ILE A 229 1.76 -0.13 20.27
N GLN A 230 1.28 0.78 21.14
CA GLN A 230 0.94 2.11 20.79
C GLN A 230 2.24 2.92 20.56
N VAL A 231 2.22 3.76 19.54
CA VAL A 231 3.42 4.51 19.11
C VAL A 231 2.91 5.93 19.14
N VAL A 232 3.38 6.73 20.16
CA VAL A 232 2.86 8.03 20.40
C VAL A 232 4.06 8.97 20.52
N THR A 233 4.01 10.00 19.71
CA THR A 233 5.08 11.03 19.63
C THR A 233 4.54 12.28 20.24
N THR A 234 5.35 12.83 21.20
CA THR A 234 4.97 14.04 21.93
C THR A 234 6.23 14.92 21.98
N GLU A 235 6.14 16.04 21.34
CA GLU A 235 7.31 16.97 21.27
C GLU A 235 8.57 16.30 20.73
N GLY A 236 8.42 15.54 19.66
CA GLY A 236 9.50 14.85 18.98
C GLY A 236 10.02 13.61 19.63
N ARG A 237 9.51 13.22 20.78
CA ARG A 237 9.97 12.07 21.48
C ARG A 237 8.88 11.00 21.33
N THR A 238 9.30 9.83 20.92
CA THR A 238 8.34 8.70 20.73
C THR A 238 8.49 7.71 21.85
N GLU A 239 7.32 7.27 22.37
CA GLU A 239 7.24 6.27 23.39
C GLU A 239 6.38 5.11 22.88
N LEU A 240 6.77 3.92 23.27
CA LEU A 240 6.06 2.68 23.00
C LEU A 240 5.29 2.29 24.25
N THR A 241 3.96 2.12 24.13
CA THR A 241 3.12 1.69 25.27
C THR A 241 2.21 0.54 24.85
N PRO A 242 2.31 -0.61 25.49
CA PRO A 242 1.32 -1.68 25.25
C PRO A 242 -0.11 -1.27 25.57
N ALA A 243 -0.99 -1.70 24.67
CA ALA A 243 -2.44 -1.69 24.91
C ALA A 243 -2.89 -3.13 25.02
N TYR A 244 -3.99 -3.34 25.77
CA TYR A 244 -4.49 -4.69 25.96
C TYR A 244 -5.87 -4.82 25.33
N PHE A 245 -5.98 -5.78 24.45
CA PHE A 245 -7.21 -6.05 23.70
C PHE A 245 -8.34 -6.51 24.65
N GLY B 3 8.99 10.91 -19.72
CA GLY B 3 8.02 10.54 -18.65
C GLY B 3 6.64 10.17 -19.24
N VAL B 4 5.83 11.17 -19.53
CA VAL B 4 4.54 10.95 -20.16
C VAL B 4 4.36 12.01 -21.24
N GLN B 5 4.09 11.57 -22.45
CA GLN B 5 3.71 12.49 -23.51
C GLN B 5 2.20 12.48 -23.70
N VAL B 6 1.60 13.65 -23.78
CA VAL B 6 0.17 13.80 -23.93
C VAL B 6 -0.12 14.34 -25.33
N GLU B 7 -0.85 13.60 -26.13
CA GLU B 7 -1.28 13.96 -27.47
C GLU B 7 -2.79 14.04 -27.55
N THR B 8 -3.32 15.10 -28.10
CA THR B 8 -4.74 15.30 -28.17
C THR B 8 -5.32 14.50 -29.33
N ILE B 9 -6.31 13.64 -29.03
CA ILE B 9 -7.10 12.99 -30.04
C ILE B 9 -8.29 13.82 -30.40
N SER B 10 -9.00 14.36 -29.40
CA SER B 10 -10.04 15.39 -29.64
C SER B 10 -10.08 16.34 -28.45
N PRO B 11 -10.27 17.63 -28.67
CA PRO B 11 -10.12 18.59 -27.58
C PRO B 11 -11.30 18.55 -26.57
N GLY B 12 -10.97 18.90 -25.39
CA GLY B 12 -11.96 19.08 -24.31
C GLY B 12 -12.49 20.50 -24.34
N ASP B 13 -13.10 20.92 -23.23
CA ASP B 13 -13.70 22.24 -23.21
C ASP B 13 -12.65 23.33 -23.01
N GLY B 14 -11.41 22.95 -22.72
CA GLY B 14 -10.33 23.87 -22.56
C GLY B 14 -10.40 24.77 -21.37
N ARG B 15 -11.30 24.47 -20.42
CA ARG B 15 -11.36 25.29 -19.22
C ARG B 15 -11.61 24.53 -17.92
N THR B 16 -12.07 23.29 -17.96
CA THR B 16 -12.35 22.51 -16.74
C THR B 16 -11.23 21.47 -16.59
N PHE B 17 -10.28 21.76 -15.83
CA PHE B 17 -9.11 20.90 -15.59
C PHE B 17 -9.24 20.34 -14.18
N PRO B 18 -8.70 19.14 -13.91
CA PRO B 18 -8.87 18.55 -12.57
C PRO B 18 -8.09 19.29 -11.49
N LYS B 19 -8.61 19.21 -10.27
CA LYS B 19 -7.90 19.72 -9.10
C LYS B 19 -7.65 18.56 -8.14
N ARG B 20 -6.59 18.70 -7.33
CA ARG B 20 -6.41 17.73 -6.24
C ARG B 20 -7.68 17.69 -5.39
N GLY B 21 -8.06 16.49 -5.00
CA GLY B 21 -9.29 16.30 -4.28
C GLY B 21 -10.49 15.97 -5.13
N GLN B 22 -10.50 16.39 -6.41
CA GLN B 22 -11.60 16.04 -7.29
C GLN B 22 -11.38 14.61 -7.79
N THR B 23 -12.47 13.95 -8.14
CA THR B 23 -12.46 12.60 -8.70
C THR B 23 -12.59 12.68 -10.21
N CYS B 24 -11.60 12.10 -10.91
CA CYS B 24 -11.67 12.05 -12.37
C CYS B 24 -12.44 10.83 -12.80
N VAL B 25 -13.35 11.00 -13.73
CA VAL B 25 -14.12 9.91 -14.30
C VAL B 25 -13.68 9.75 -15.75
N VAL B 26 -13.17 8.56 -16.10
CA VAL B 26 -12.56 8.36 -17.41
C VAL B 26 -12.96 7.04 -18.00
N HIS B 27 -12.91 6.94 -19.31
CA HIS B 27 -12.84 5.68 -20.00
C HIS B 27 -11.47 5.58 -20.66
N TYR B 28 -10.88 4.42 -20.61
CA TYR B 28 -9.55 4.19 -21.15
C TYR B 28 -9.42 2.87 -21.85
N THR B 29 -8.42 2.79 -22.70
CA THR B 29 -7.91 1.54 -23.24
C THR B 29 -6.39 1.60 -23.09
N GLY B 30 -5.81 0.57 -22.51
CA GLY B 30 -4.38 0.50 -22.33
C GLY B 30 -3.79 -0.53 -23.29
N MET B 31 -2.66 -0.16 -23.91
CA MET B 31 -1.96 -0.98 -24.89
C MET B 31 -0.48 -0.95 -24.63
N LEU B 32 0.18 -2.02 -25.04
CA LEU B 32 1.62 -2.11 -25.08
C LEU B 32 2.11 -1.24 -26.27
N GLU B 33 3.42 -1.06 -26.33
CA GLU B 33 3.98 -0.17 -27.33
C GLU B 33 3.72 -0.67 -28.74
N ASP B 34 3.60 -1.98 -28.92
CA ASP B 34 3.24 -2.58 -30.21
C ASP B 34 1.75 -2.47 -30.52
N GLY B 35 0.93 -1.90 -29.63
CA GLY B 35 -0.50 -1.78 -29.86
C GLY B 35 -1.38 -2.87 -29.29
N LYS B 36 -0.79 -3.91 -28.69
CA LYS B 36 -1.55 -5.00 -28.10
C LYS B 36 -2.29 -4.50 -26.87
N LYS B 37 -3.60 -4.66 -26.90
CA LYS B 37 -4.45 -4.19 -25.83
C LYS B 37 -4.31 -5.10 -24.62
N PHE B 38 -4.16 -4.51 -23.45
CA PHE B 38 -4.19 -5.30 -22.23
C PHE B 38 -5.39 -5.06 -21.34
N ASP B 39 -6.12 -3.96 -21.51
CA ASP B 39 -7.28 -3.71 -20.68
C ASP B 39 -8.04 -2.51 -21.25
N SER B 40 -9.35 -2.49 -21.03
CA SER B 40 -10.18 -1.35 -21.37
C SER B 40 -11.36 -1.27 -20.42
N SER B 41 -11.61 -0.11 -19.84
CA SER B 41 -12.80 0.13 -19.05
C SER B 41 -14.04 0.08 -19.92
N ARG B 42 -13.86 0.26 -21.22
CA ARG B 42 -15.04 0.24 -22.10
C ARG B 42 -15.58 -1.17 -22.22
N ASP B 43 -14.72 -2.17 -22.07
CA ASP B 43 -15.18 -3.56 -22.14
C ASP B 43 -16.09 -3.92 -20.97
N ARG B 44 -16.07 -3.15 -19.91
CA ARG B 44 -16.89 -3.35 -18.73
C ARG B 44 -18.07 -2.38 -18.72
N ASN B 45 -18.18 -1.52 -19.72
CA ASN B 45 -19.23 -0.52 -19.79
C ASN B 45 -19.32 0.30 -18.51
N LYS B 46 -18.16 0.52 -17.87
CA LYS B 46 -18.18 1.19 -16.58
C LYS B 46 -16.90 2.05 -16.51
N PRO B 47 -17.01 3.33 -16.25
CA PRO B 47 -15.82 4.17 -16.27
C PRO B 47 -14.96 3.93 -15.05
N PHE B 48 -13.67 4.23 -15.18
CA PHE B 48 -12.72 4.19 -14.10
C PHE B 48 -12.72 5.52 -13.40
N LYS B 49 -12.69 5.51 -12.08
CA LYS B 49 -12.67 6.71 -11.27
C LYS B 49 -11.45 6.70 -10.35
N PHE B 50 -10.80 7.85 -10.21
CA PHE B 50 -9.68 8.00 -9.32
C PHE B 50 -9.56 9.44 -8.90
N MET B 51 -8.91 9.64 -7.79
CA MET B 51 -8.72 10.97 -7.20
C MET B 51 -7.27 11.37 -7.34
N LEU B 52 -7.02 12.50 -7.97
CA LEU B 52 -5.66 12.97 -8.14
C LEU B 52 -5.14 13.49 -6.81
N GLY B 53 -3.85 13.35 -6.60
CA GLY B 53 -3.21 13.76 -5.37
C GLY B 53 -3.23 12.72 -4.28
N LYS B 54 -3.70 11.49 -4.54
CA LYS B 54 -3.86 10.46 -3.51
C LYS B 54 -3.03 9.20 -3.77
N GLN B 55 -2.03 9.30 -4.64
CA GLN B 55 -1.20 8.15 -5.01
C GLN B 55 -2.03 6.93 -5.40
N GLU B 56 -3.04 7.16 -6.25
CA GLU B 56 -3.90 6.10 -6.64
C GLU B 56 -3.55 5.46 -7.97
N VAL B 57 -2.67 6.11 -8.75
CA VAL B 57 -2.40 5.67 -10.13
C VAL B 57 -0.93 5.85 -10.47
N ILE B 58 -0.51 5.14 -11.51
CA ILE B 58 0.85 5.24 -12.01
C ILE B 58 1.16 6.72 -12.33
N ARG B 59 2.43 7.07 -12.23
CA ARG B 59 2.81 8.48 -12.34
C ARG B 59 2.43 9.11 -13.67
N GLY B 60 2.51 8.35 -14.76
CA GLY B 60 2.09 8.88 -16.04
C GLY B 60 0.65 9.31 -16.11
N TRP B 61 -0.24 8.61 -15.41
CA TRP B 61 -1.62 9.05 -15.32
C TRP B 61 -1.75 10.25 -14.39
N GLU B 62 -1.03 10.24 -13.26
CA GLU B 62 -1.07 11.36 -12.30
C GLU B 62 -0.68 12.67 -12.98
N GLU B 63 0.37 12.64 -13.80
CA GLU B 63 0.83 13.83 -14.52
CA GLU B 63 0.78 13.85 -14.48
C GLU B 63 0.03 14.07 -15.79
N GLY B 64 -0.37 13.05 -16.51
CA GLY B 64 -1.04 13.13 -17.79
C GLY B 64 -2.46 13.60 -17.73
N VAL B 65 -3.23 12.93 -16.84
CA VAL B 65 -4.63 13.29 -16.74
C VAL B 65 -4.83 14.68 -16.14
N ALA B 66 -3.94 15.12 -15.28
CA ALA B 66 -4.03 16.45 -14.71
C ALA B 66 -3.96 17.50 -15.80
N GLN B 67 -3.39 17.18 -16.96
CA GLN B 67 -3.28 18.11 -18.10
C GLN B 67 -4.51 18.19 -18.97
N MET B 68 -5.50 17.34 -18.78
CA MET B 68 -6.62 17.20 -19.67
C MET B 68 -7.77 18.04 -19.13
N SER B 69 -8.60 18.50 -20.06
CA SER B 69 -9.86 19.17 -19.72
C SER B 69 -11.05 18.27 -19.99
N VAL B 70 -12.18 18.57 -19.32
CA VAL B 70 -13.35 17.71 -19.44
C VAL B 70 -13.81 17.61 -20.90
N GLY B 71 -14.06 16.40 -21.39
CA GLY B 71 -14.43 16.08 -22.74
C GLY B 71 -13.25 15.74 -23.64
N GLN B 72 -12.03 15.97 -23.16
CA GLN B 72 -10.83 15.69 -24.00
C GLN B 72 -10.65 14.18 -24.14
N ARG B 73 -10.19 13.75 -25.31
CA ARG B 73 -9.67 12.42 -25.54
C ARG B 73 -8.21 12.60 -25.87
N ALA B 74 -7.36 11.88 -25.16
CA ALA B 74 -5.91 12.04 -25.26
C ALA B 74 -5.22 10.68 -25.31
N LYS B 75 -4.09 10.61 -25.98
CA LYS B 75 -3.17 9.48 -25.96
C LYS B 75 -2.05 9.82 -24.99
N LEU B 76 -1.85 8.99 -23.97
CA LEU B 76 -0.75 9.13 -23.04
C LEU B 76 0.24 8.05 -23.34
N THR B 77 1.47 8.43 -23.71
CA THR B 77 2.55 7.49 -23.91
C THR B 77 3.50 7.60 -22.75
N ILE B 78 3.59 6.52 -21.98
CA ILE B 78 4.18 6.51 -20.65
C ILE B 78 5.41 5.60 -20.62
N SER B 79 6.56 6.21 -20.27
CA SER B 79 7.81 5.46 -20.15
C SER B 79 7.76 4.52 -18.95
N PRO B 80 8.58 3.49 -18.92
CA PRO B 80 8.46 2.53 -17.79
C PRO B 80 8.65 3.15 -16.43
N ASP B 81 9.52 4.14 -16.27
CA ASP B 81 9.70 4.76 -14.97
C ASP B 81 8.49 5.56 -14.49
N TYR B 82 7.54 5.81 -15.37
CA TYR B 82 6.29 6.45 -14.99
C TYR B 82 5.12 5.46 -14.98
N ALA B 83 5.41 4.20 -15.09
CA ALA B 83 4.43 3.12 -15.20
C ALA B 83 4.86 2.01 -14.22
N TYR B 84 5.15 0.82 -14.71
CA TYR B 84 5.48 -0.36 -13.87
C TYR B 84 6.96 -0.69 -13.85
N GLY B 85 7.84 0.15 -14.46
CA GLY B 85 9.25 0.05 -14.22
C GLY B 85 9.88 -1.22 -14.77
N ALA B 86 10.97 -1.59 -14.11
CA ALA B 86 11.75 -2.72 -14.62
C ALA B 86 11.01 -4.02 -14.47
N THR B 87 10.31 -4.22 -13.33
CA THR B 87 9.70 -5.50 -13.08
C THR B 87 8.44 -5.70 -13.94
N GLY B 88 7.72 -4.59 -14.21
CA GLY B 88 6.47 -4.77 -14.85
C GLY B 88 5.37 -5.30 -13.94
N HIS B 89 4.36 -5.89 -14.49
CA HIS B 89 3.34 -6.56 -13.70
C HIS B 89 3.17 -7.94 -14.32
N PRO B 90 3.92 -8.92 -13.82
CA PRO B 90 3.95 -10.26 -14.45
C PRO B 90 2.58 -10.80 -14.76
N GLY B 91 2.40 -11.25 -15.99
CA GLY B 91 1.14 -11.73 -16.46
C GLY B 91 0.31 -10.72 -17.24
N ILE B 92 0.64 -9.43 -17.17
CA ILE B 92 -0.15 -8.44 -17.91
C ILE B 92 0.76 -7.38 -18.52
N ILE B 93 1.72 -6.88 -17.76
CA ILE B 93 2.63 -5.84 -18.25
C ILE B 93 4.05 -6.37 -18.27
N PRO B 94 4.69 -6.47 -19.43
CA PRO B 94 6.05 -6.99 -19.48
C PRO B 94 7.05 -6.09 -18.76
N PRO B 95 8.29 -6.59 -18.57
CA PRO B 95 9.34 -5.75 -18.02
C PRO B 95 9.63 -4.51 -18.87
N HIS B 96 10.04 -3.43 -18.21
CA HIS B 96 10.42 -2.16 -18.84
C HIS B 96 9.52 -1.81 -20.04
N ALA B 97 8.23 -1.85 -19.83
CA ALA B 97 7.25 -1.60 -20.89
C ALA B 97 6.86 -0.13 -20.97
N THR B 98 6.92 0.45 -22.17
CA THR B 98 6.26 1.72 -22.43
C THR B 98 4.81 1.45 -22.74
N LEU B 99 3.90 2.14 -22.07
CA LEU B 99 2.49 1.90 -22.22
C LEU B 99 1.85 3.07 -22.96
N VAL B 100 0.81 2.78 -23.69
CA VAL B 100 0.01 3.78 -24.39
C VAL B 100 -1.43 3.64 -23.89
N PHE B 101 -1.98 4.71 -23.35
CA PHE B 101 -3.38 4.74 -22.96
C PHE B 101 -4.17 5.77 -23.74
N ASP B 102 -5.28 5.35 -24.29
CA ASP B 102 -6.27 6.24 -24.87
C ASP B 102 -7.18 6.59 -23.72
N VAL B 103 -7.25 7.85 -23.30
CA VAL B 103 -8.02 8.27 -22.14
C VAL B 103 -9.02 9.31 -22.55
N GLU B 104 -10.27 9.19 -22.07
CA GLU B 104 -11.27 10.21 -22.30
C GLU B 104 -11.68 10.70 -20.92
N LEU B 105 -11.54 11.96 -20.65
CA LEU B 105 -11.93 12.55 -19.37
C LEU B 105 -13.39 12.93 -19.47
N LEU B 106 -14.28 12.09 -18.87
CA LEU B 106 -15.72 12.23 -19.09
C LEU B 106 -16.32 13.33 -18.23
N LYS B 107 -15.88 13.41 -16.98
CA LYS B 107 -16.34 14.42 -16.03
C LYS B 107 -15.50 14.41 -14.76
N LEU B 108 -15.77 15.40 -13.93
CA LEU B 108 -15.14 15.55 -12.63
C LEU B 108 -16.25 15.52 -11.57
N GLU B 109 -16.00 14.78 -10.49
CA GLU B 109 -17.00 14.57 -9.41
C GLU B 109 -16.40 14.97 -8.08
#